data_5TFG
#
_entry.id   5TFG
#
_cell.length_a   40.147
_cell.length_b   40.147
_cell.length_c   141.787
_cell.angle_alpha   90.00
_cell.angle_beta   90.00
_cell.angle_gamma   90.00
#
_symmetry.space_group_name_H-M   'P 43'
#
loop_
_entity.id
_entity.type
_entity.pdbx_description
1 polymer 'Cystic fibrosis transmembrane conductance regulator'
2 non-polymer 'MAGNESIUM ION'
3 non-polymer '5-Methyluridine triphosphate'
4 water water
#
_entity_poly.entity_id   1
_entity_poly.type   'polypeptide(L)'
_entity_poly.pdbx_seq_one_letter_code
;SLTTTEVVMENVTAFWEEGGTPVLKDINFKIERGQLLAVAGSTGAGKTSLLMMIMGELEPSEGKIKHSGRISFCSQFSWI
MPGTIKENIIFGVSYDEYRYRSVIKACQLEEDISKFAEKDNIVLGEGGITLSGGQRARISLARAVYKDADLYLLDSPFGY
LDVLTEKEIFESCVCKLMANKTRILVTSKMEHLKKADKILILHEGSSYFYGTFSELQNLQPDFSSKLMG
;
_entity_poly.pdbx_strand_id   A
#
# COMPACT_ATOMS: atom_id res chain seq x y z
N THR A 5 -8.11 7.84 17.30
CA THR A 5 -7.06 7.69 16.29
C THR A 5 -6.89 6.24 15.88
N GLU A 6 -6.44 6.01 14.66
CA GLU A 6 -6.36 4.66 14.12
C GLU A 6 -4.95 4.11 14.19
N VAL A 7 -3.95 4.93 13.86
CA VAL A 7 -2.56 4.54 13.94
C VAL A 7 -1.77 5.70 14.54
N VAL A 8 -0.91 5.40 15.51
CA VAL A 8 -0.03 6.40 16.10
C VAL A 8 1.37 5.82 16.20
N MET A 9 2.37 6.61 15.83
CA MET A 9 3.73 6.38 16.26
C MET A 9 4.20 7.59 17.05
N GLU A 10 4.80 7.34 18.20
CA GLU A 10 5.27 8.40 19.08
C GLU A 10 6.71 8.12 19.44
N ASN A 11 7.64 8.99 19.00
CA ASN A 11 9.06 8.88 19.33
C ASN A 11 9.64 7.49 19.04
N VAL A 12 9.23 6.88 17.93
CA VAL A 12 9.61 5.49 17.65
C VAL A 12 11.03 5.43 17.09
N THR A 13 11.87 4.61 17.74
CA THR A 13 13.17 4.21 17.23
C THR A 13 13.22 2.69 17.20
N ALA A 14 13.81 2.12 16.14
CA ALA A 14 13.86 0.66 16.04
C ALA A 14 15.12 0.23 15.30
N PHE A 15 15.53 -1.02 15.57
CA PHE A 15 16.71 -1.63 14.98
C PHE A 15 16.34 -2.99 14.42
N TRP A 16 16.86 -3.31 13.23
CA TRP A 16 16.74 -4.67 12.72
C TRP A 16 17.74 -5.62 13.38
N GLU A 17 18.92 -5.11 13.71
CA GLU A 17 19.99 -5.90 14.29
C GLU A 17 20.44 -5.24 15.59
N GLU A 18 20.56 -6.04 16.64
CA GLU A 18 21.05 -5.56 17.93
C GLU A 18 22.40 -4.87 17.76
N GLY A 19 22.51 -3.65 18.28
CA GLY A 19 23.76 -2.94 18.19
C GLY A 19 24.05 -2.34 16.84
N GLY A 20 23.16 -2.49 15.87
CA GLY A 20 23.34 -1.90 14.56
C GLY A 20 22.95 -0.43 14.54
N THR A 21 22.81 0.10 13.33
CA THR A 21 22.29 1.45 13.24
C THR A 21 20.77 1.43 13.19
N PRO A 22 20.08 2.38 13.81
CA PRO A 22 18.61 2.32 13.82
C PRO A 22 18.03 2.44 12.43
N VAL A 23 16.99 1.65 12.15
CA VAL A 23 16.32 1.71 10.85
C VAL A 23 15.28 2.82 10.84
N LEU A 24 14.73 3.14 12.01
CA LEU A 24 13.82 4.27 12.20
C LEU A 24 14.30 5.03 13.42
N LYS A 25 14.26 6.36 13.36
CA LYS A 25 14.78 7.21 14.43
C LYS A 25 13.75 8.27 14.77
N ASP A 26 13.23 8.24 15.99
CA ASP A 26 12.31 9.24 16.53
C ASP A 26 11.23 9.64 15.52
N ILE A 27 10.45 8.63 15.11
CA ILE A 27 9.38 8.81 14.14
C ILE A 27 8.08 9.16 14.86
N ASN A 28 7.36 10.16 14.34
CA ASN A 28 6.10 10.61 14.91
C ASN A 28 5.07 10.80 13.80
N PHE A 29 3.88 10.21 13.97
CA PHE A 29 2.74 10.56 13.14
C PHE A 29 1.47 10.08 13.80
N LYS A 30 0.34 10.57 13.30
CA LYS A 30 -0.98 10.06 13.68
C LYS A 30 -1.89 10.05 12.46
N ILE A 31 -2.67 8.99 12.34
CA ILE A 31 -3.69 8.83 11.28
C ILE A 31 -5.03 8.65 11.96
N GLU A 32 -6.00 9.49 11.64
CA GLU A 32 -7.35 9.25 12.09
C GLU A 32 -8.04 8.22 11.20
N ARG A 33 -9.12 7.62 11.73
CA ARG A 33 -9.88 6.64 10.97
C ARG A 33 -10.33 7.24 9.64
N GLY A 34 -10.09 6.51 8.55
CA GLY A 34 -10.45 6.96 7.22
C GLY A 34 -9.45 7.86 6.52
N GLN A 35 -8.33 8.22 7.17
CA GLN A 35 -7.41 9.14 6.50
C GLN A 35 -6.39 8.37 5.67
N LEU A 36 -5.65 9.15 4.88
CA LEU A 36 -4.56 8.65 4.04
C LEU A 36 -3.26 9.29 4.51
N LEU A 37 -2.29 8.46 4.90
CA LEU A 37 -0.92 8.89 5.14
C LEU A 37 -0.04 8.50 3.95
N ALA A 38 0.66 9.46 3.37
CA ALA A 38 1.66 9.17 2.35
C ALA A 38 3.03 9.06 3.01
N VAL A 39 3.78 8.00 2.68
CA VAL A 39 5.11 7.77 3.24
C VAL A 39 6.10 7.78 2.09
N ALA A 40 7.04 8.73 2.12
CA ALA A 40 7.97 8.94 1.01
C ALA A 40 9.39 8.86 1.54
N GLY A 41 10.35 8.89 0.64
CA GLY A 41 11.76 8.86 0.98
C GLY A 41 12.55 7.94 0.06
N SER A 42 13.88 8.13 0.06
CA SER A 42 14.74 7.43 -0.88
C SER A 42 14.90 5.96 -0.49
N THR A 43 15.54 5.19 -1.38
CA THR A 43 15.72 3.77 -1.10
C THR A 43 16.51 3.59 0.19
N GLY A 44 16.09 2.63 1.01
CA GLY A 44 16.66 2.39 2.31
C GLY A 44 16.26 3.36 3.40
N ALA A 45 15.30 4.26 3.14
CA ALA A 45 14.95 5.26 4.15
C ALA A 45 14.23 4.67 5.34
N GLY A 46 13.63 3.49 5.19
CA GLY A 46 12.89 2.86 6.27
C GLY A 46 11.38 2.72 6.04
N LYS A 47 10.90 2.91 4.81
CA LYS A 47 9.45 2.96 4.56
C LYS A 47 8.82 1.58 4.76
N THR A 48 9.38 0.55 4.11
CA THR A 48 8.84 -0.80 4.31
C THR A 48 9.02 -1.24 5.76
N SER A 49 10.14 -0.85 6.39
CA SER A 49 10.35 -1.20 7.79
C SER A 49 9.28 -0.58 8.67
N LEU A 50 8.85 0.64 8.33
CA LEU A 50 7.76 1.26 9.07
C LEU A 50 6.48 0.44 8.97
N LEU A 51 6.16 -0.03 7.77
CA LEU A 51 5.00 -0.90 7.60
C LEU A 51 5.16 -2.19 8.40
N MET A 52 6.38 -2.76 8.39
CA MET A 52 6.62 -3.99 9.14
CA MET A 52 6.61 -3.99 9.14
C MET A 52 6.38 -3.79 10.63
N MET A 53 6.73 -2.61 11.16
CA MET A 53 6.46 -2.35 12.57
C MET A 53 4.96 -2.37 12.86
N ILE A 54 4.15 -1.80 11.96
CA ILE A 54 2.72 -1.81 12.17
C ILE A 54 2.17 -3.23 12.11
N MET A 55 2.78 -4.09 11.32
CA MET A 55 2.36 -5.48 11.21
C MET A 55 2.98 -6.37 12.28
N GLY A 56 3.72 -5.81 13.22
CA GLY A 56 4.25 -6.57 14.33
C GLY A 56 5.49 -7.39 14.03
N GLU A 57 6.18 -7.11 12.92
CA GLU A 57 7.39 -7.83 12.58
C GLU A 57 8.65 -7.13 13.08
N LEU A 58 8.51 -5.95 13.66
CA LEU A 58 9.65 -5.18 14.13
C LEU A 58 9.18 -4.39 15.35
N GLU A 59 9.87 -4.57 16.45
CA GLU A 59 9.40 -3.93 17.65
C GLU A 59 10.22 -2.68 17.95
N PRO A 60 9.57 -1.65 18.51
CA PRO A 60 10.29 -0.41 18.82
C PRO A 60 11.24 -0.61 19.99
N SER A 61 12.41 0.02 19.91
CA SER A 61 13.30 0.05 21.06
C SER A 61 13.06 1.28 21.93
N GLU A 62 12.54 2.36 21.34
CA GLU A 62 12.03 3.53 22.04
C GLU A 62 10.68 3.90 21.41
N GLY A 63 9.82 4.53 22.21
CA GLY A 63 8.57 5.04 21.68
C GLY A 63 7.39 4.09 21.84
N LYS A 64 6.23 4.59 21.38
CA LYS A 64 4.95 3.90 21.51
C LYS A 64 4.29 3.80 20.13
N ILE A 65 3.56 2.71 19.92
CA ILE A 65 2.80 2.52 18.70
C ILE A 65 1.38 2.08 19.04
N LYS A 66 0.42 2.65 18.32
CA LYS A 66 -0.98 2.25 18.45
C LYS A 66 -1.52 1.83 17.08
N HIS A 67 -2.11 0.65 17.01
CA HIS A 67 -2.89 0.26 15.84
C HIS A 67 -3.74 -0.93 16.23
N SER A 68 -4.99 -0.91 15.81
CA SER A 68 -5.90 -2.00 16.11
C SER A 68 -6.51 -2.53 14.83
N GLY A 69 -6.88 -3.79 14.89
CA GLY A 69 -7.69 -4.37 13.88
C GLY A 69 -6.88 -5.05 12.81
N ARG A 70 -7.59 -5.34 11.79
CA ARG A 70 -7.09 -6.22 10.81
C ARG A 70 -6.40 -5.43 9.71
N ILE A 71 -5.31 -5.97 9.21
CA ILE A 71 -4.45 -5.29 8.24
C ILE A 71 -4.51 -6.00 6.89
N SER A 72 -4.54 -5.23 5.80
CA SER A 72 -4.27 -5.74 4.46
C SER A 72 -2.99 -5.10 3.94
N PHE A 73 -2.03 -5.93 3.54
CA PHE A 73 -0.71 -5.45 3.12
C PHE A 73 -0.50 -5.75 1.64
N CYS A 74 -0.06 -4.73 0.88
CA CYS A 74 0.35 -4.92 -0.51
C CYS A 74 1.86 -4.72 -0.60
N SER A 75 2.57 -5.79 -0.93
CA SER A 75 4.03 -5.74 -1.01
C SER A 75 4.47 -4.90 -2.20
N GLN A 76 5.62 -4.23 -2.05
CA GLN A 76 6.21 -3.56 -3.21
C GLN A 76 6.70 -4.54 -4.27
N PHE A 77 6.79 -5.82 -3.94
CA PHE A 77 7.15 -6.85 -4.91
C PHE A 77 5.88 -7.61 -5.27
N SER A 78 5.38 -7.39 -6.47
CA SER A 78 4.14 -8.02 -6.87
C SER A 78 4.33 -9.54 -6.97
N TRP A 79 3.26 -10.28 -6.72
CA TRP A 79 3.38 -11.73 -6.74
C TRP A 79 2.05 -12.36 -7.17
N ILE A 80 2.17 -13.58 -7.71
CA ILE A 80 1.05 -14.36 -8.23
C ILE A 80 1.21 -15.78 -7.70
N MET A 81 0.11 -16.41 -7.36
CA MET A 81 0.12 -17.83 -7.08
C MET A 81 -0.64 -18.57 -8.15
N PRO A 82 -0.34 -19.86 -8.35
CA PRO A 82 -1.05 -20.63 -9.38
C PRO A 82 -2.55 -20.64 -9.11
N GLY A 83 -3.31 -20.23 -10.10
CA GLY A 83 -4.76 -20.16 -9.99
C GLY A 83 -5.30 -19.13 -10.95
N THR A 84 -6.61 -18.99 -10.96
CA THR A 84 -7.19 -18.04 -11.90
C THR A 84 -6.91 -16.61 -11.42
N ILE A 85 -7.17 -15.64 -12.31
CA ILE A 85 -7.02 -14.25 -11.89
C ILE A 85 -8.05 -13.92 -10.82
N LYS A 86 -9.26 -14.48 -10.93
CA LYS A 86 -10.23 -14.28 -9.87
C LYS A 86 -9.76 -14.88 -8.55
N GLU A 87 -9.20 -16.10 -8.59
CA GLU A 87 -8.71 -16.71 -7.36
C GLU A 87 -7.56 -15.91 -6.75
N ASN A 88 -6.70 -15.34 -7.60
CA ASN A 88 -5.58 -14.57 -7.08
C ASN A 88 -6.03 -13.30 -6.37
N ILE A 89 -7.13 -12.71 -6.82
CA ILE A 89 -7.58 -11.44 -6.24
C ILE A 89 -8.38 -11.69 -4.98
N ILE A 90 -9.31 -12.66 -5.04
CA ILE A 90 -10.08 -13.05 -3.87
C ILE A 90 -9.18 -13.68 -2.80
N PHE A 91 -8.23 -14.52 -3.23
CA PHE A 91 -7.21 -15.14 -2.40
C PHE A 91 -7.76 -15.63 -1.06
N GLY A 92 -8.73 -16.56 -1.14
CA GLY A 92 -9.28 -17.19 0.04
C GLY A 92 -10.33 -16.41 0.80
N VAL A 93 -10.55 -15.12 0.46
CA VAL A 93 -11.62 -14.33 1.05
C VAL A 93 -12.95 -14.75 0.42
N SER A 94 -14.05 -14.63 1.15
CA SER A 94 -15.33 -14.98 0.55
C SER A 94 -15.60 -14.09 -0.65
N TYR A 95 -16.32 -14.64 -1.63
CA TYR A 95 -16.53 -13.98 -2.91
C TYR A 95 -17.83 -13.20 -2.93
N ASP A 96 -17.77 -12.00 -3.51
CA ASP A 96 -18.97 -11.21 -3.80
C ASP A 96 -18.78 -10.58 -5.16
N GLU A 97 -19.74 -10.81 -6.06
CA GLU A 97 -19.60 -10.34 -7.44
C GLU A 97 -19.41 -8.83 -7.48
N TYR A 98 -20.28 -8.09 -6.78
CA TYR A 98 -20.23 -6.63 -6.86
C TYR A 98 -18.90 -6.11 -6.34
N ARG A 99 -18.48 -6.59 -5.17
CA ARG A 99 -17.21 -6.15 -4.59
C ARG A 99 -16.03 -6.48 -5.50
N TYR A 100 -15.99 -7.72 -6.00
CA TYR A 100 -14.94 -8.14 -6.92
C TYR A 100 -14.91 -7.25 -8.17
N ARG A 101 -16.07 -7.03 -8.78
CA ARG A 101 -16.12 -6.21 -9.99
C ARG A 101 -15.68 -4.78 -9.71
N SER A 102 -16.04 -4.23 -8.54
CA SER A 102 -15.66 -2.85 -8.24
C SER A 102 -14.14 -2.73 -8.13
N VAL A 103 -13.49 -3.72 -7.53
CA VAL A 103 -12.05 -3.70 -7.38
C VAL A 103 -11.35 -3.80 -8.74
N ILE A 104 -11.76 -4.76 -9.58
CA ILE A 104 -11.03 -4.90 -10.83
C ILE A 104 -11.26 -3.70 -11.73
N LYS A 105 -12.44 -3.07 -11.66
CA LYS A 105 -12.63 -1.85 -12.42
C LYS A 105 -11.74 -0.73 -11.91
N ALA A 106 -11.64 -0.59 -10.58
CA ALA A 106 -10.81 0.46 -10.02
C ALA A 106 -9.34 0.23 -10.30
N CYS A 107 -8.94 -1.00 -10.57
CA CYS A 107 -7.55 -1.32 -10.86
C CYS A 107 -7.30 -1.47 -12.36
N GLN A 108 -8.26 -1.09 -13.20
CA GLN A 108 -8.17 -1.17 -14.67
C GLN A 108 -7.95 -2.59 -15.18
N LEU A 109 -8.28 -3.62 -14.37
CA LEU A 109 -8.11 -4.99 -14.82
C LEU A 109 -9.27 -5.49 -15.69
N GLU A 110 -10.39 -4.77 -15.70
CA GLU A 110 -11.51 -5.16 -16.56
C GLU A 110 -11.06 -5.26 -18.01
N GLU A 111 -10.26 -4.29 -18.48
CA GLU A 111 -9.77 -4.29 -19.85
C GLU A 111 -8.92 -5.53 -20.14
N ASP A 112 -7.94 -5.80 -19.27
CA ASP A 112 -7.10 -6.98 -19.46
C ASP A 112 -7.95 -8.25 -19.50
N ILE A 113 -8.86 -8.41 -18.54
CA ILE A 113 -9.60 -9.67 -18.43
C ILE A 113 -10.54 -9.86 -19.63
N SER A 114 -11.17 -8.78 -20.10
CA SER A 114 -12.11 -8.89 -21.22
C SER A 114 -11.46 -9.45 -22.47
N LYS A 115 -10.13 -9.38 -22.60
CA LYS A 115 -9.45 -9.84 -23.80
C LYS A 115 -9.26 -11.35 -23.85
N PHE A 116 -9.41 -12.05 -22.73
CA PHE A 116 -9.19 -13.49 -22.70
C PHE A 116 -10.51 -14.24 -22.89
N ALA A 117 -10.45 -15.33 -23.66
CA ALA A 117 -11.65 -16.14 -23.88
C ALA A 117 -12.18 -16.70 -22.58
N GLU A 118 -11.29 -17.05 -21.65
CA GLU A 118 -11.69 -17.57 -20.35
C GLU A 118 -12.01 -16.49 -19.33
N LYS A 119 -11.87 -15.21 -19.69
CA LYS A 119 -12.26 -14.07 -18.84
C LYS A 119 -11.62 -14.25 -17.46
N ASP A 120 -12.37 -14.12 -16.36
CA ASP A 120 -11.81 -14.18 -15.01
C ASP A 120 -11.26 -15.54 -14.63
N ASN A 121 -11.49 -16.57 -15.44
CA ASN A 121 -10.95 -17.90 -15.20
C ASN A 121 -9.63 -18.14 -15.90
N ILE A 122 -9.03 -17.11 -16.52
CA ILE A 122 -7.70 -17.28 -17.10
C ILE A 122 -6.74 -17.71 -16.00
N VAL A 123 -5.88 -18.67 -16.31
CA VAL A 123 -5.03 -19.31 -15.31
C VAL A 123 -3.67 -18.63 -15.30
N LEU A 124 -3.24 -18.20 -14.12
CA LEU A 124 -1.96 -17.53 -13.94
C LEU A 124 -1.02 -18.45 -13.17
N GLY A 125 0.27 -18.13 -13.24
CA GLY A 125 1.24 -18.78 -12.38
C GLY A 125 1.43 -20.25 -12.63
N GLU A 126 1.01 -20.75 -13.81
CA GLU A 126 1.16 -22.16 -14.14
C GLU A 126 1.79 -22.39 -15.51
N GLY A 127 2.54 -21.39 -16.02
CA GLY A 127 3.27 -21.53 -17.27
C GLY A 127 2.52 -21.14 -18.52
N GLY A 128 1.21 -20.91 -18.43
CA GLY A 128 0.46 -20.47 -19.60
C GLY A 128 0.68 -19.00 -19.88
N ILE A 129 -0.13 -18.15 -19.25
CA ILE A 129 0.03 -16.71 -19.38
C ILE A 129 1.28 -16.25 -18.64
N THR A 130 2.06 -15.38 -19.28
CA THR A 130 3.13 -14.64 -18.61
C THR A 130 2.70 -13.19 -18.53
N LEU A 131 2.45 -12.71 -17.32
CA LEU A 131 1.94 -11.37 -17.11
C LEU A 131 3.05 -10.33 -17.19
N SER A 132 2.68 -9.13 -17.64
CA SER A 132 3.62 -8.02 -17.59
C SER A 132 3.82 -7.58 -16.14
N GLY A 133 4.85 -6.77 -15.93
CA GLY A 133 5.07 -6.23 -14.59
C GLY A 133 3.90 -5.40 -14.11
N GLY A 134 3.29 -4.63 -15.02
CA GLY A 134 2.18 -3.76 -14.63
C GLY A 134 0.92 -4.54 -14.34
N GLN A 135 0.69 -5.62 -15.09
CA GLN A 135 -0.44 -6.49 -14.78
C GLN A 135 -0.27 -7.14 -13.42
N ARG A 136 0.94 -7.64 -13.13
CA ARG A 136 1.17 -8.29 -11.85
C ARG A 136 1.01 -7.31 -10.69
N ALA A 137 1.41 -6.06 -10.89
CA ALA A 137 1.24 -5.06 -9.84
C ALA A 137 -0.23 -4.74 -9.62
N ARG A 138 -1.00 -4.58 -10.70
CA ARG A 138 -2.41 -4.26 -10.50
C ARG A 138 -3.17 -5.44 -9.88
N ILE A 139 -2.80 -6.67 -10.23
CA ILE A 139 -3.41 -7.83 -9.58
C ILE A 139 -3.05 -7.88 -8.10
N SER A 140 -1.79 -7.61 -7.76
CA SER A 140 -1.38 -7.59 -6.36
C SER A 140 -2.10 -6.50 -5.59
N LEU A 141 -2.28 -5.33 -6.21
CA LEU A 141 -3.01 -4.26 -5.57
C LEU A 141 -4.46 -4.67 -5.36
N ALA A 142 -5.09 -5.23 -6.40
CA ALA A 142 -6.48 -5.65 -6.29
C ALA A 142 -6.66 -6.69 -5.18
N ARG A 143 -5.73 -7.65 -5.08
CA ARG A 143 -5.80 -8.63 -4.00
C ARG A 143 -5.85 -7.95 -2.64
N ALA A 144 -4.99 -6.95 -2.41
CA ALA A 144 -4.93 -6.31 -1.10
C ALA A 144 -6.17 -5.48 -0.84
N VAL A 145 -6.70 -4.85 -1.89
CA VAL A 145 -7.84 -3.95 -1.74
C VAL A 145 -9.14 -4.74 -1.58
N TYR A 146 -9.22 -5.94 -2.18
CA TYR A 146 -10.43 -6.76 -2.06
C TYR A 146 -10.63 -7.23 -0.63
N LYS A 147 -9.54 -7.50 0.05
CA LYS A 147 -9.57 -7.96 1.42
C LYS A 147 -10.21 -6.92 2.33
N ASP A 148 -11.14 -7.35 3.17
CA ASP A 148 -11.74 -6.40 4.10
C ASP A 148 -10.81 -6.21 5.30
N ALA A 149 -10.49 -4.97 5.63
CA ALA A 149 -9.56 -4.73 6.71
C ALA A 149 -9.84 -3.37 7.33
N ASP A 150 -9.27 -3.13 8.50
CA ASP A 150 -9.34 -1.82 9.11
C ASP A 150 -8.23 -0.89 8.65
N LEU A 151 -7.11 -1.45 8.20
CA LEU A 151 -5.96 -0.65 7.82
C LEU A 151 -5.32 -1.29 6.60
N TYR A 152 -5.08 -0.48 5.57
CA TYR A 152 -4.49 -0.92 4.32
C TYR A 152 -3.09 -0.35 4.19
N LEU A 153 -2.11 -1.22 4.05
CA LEU A 153 -0.70 -0.83 3.94
C LEU A 153 -0.27 -1.13 2.51
N LEU A 154 -0.16 -0.09 1.70
CA LEU A 154 0.09 -0.21 0.27
C LEU A 154 1.52 0.25 0.01
N ASP A 155 2.43 -0.70 -0.15
CA ASP A 155 3.87 -0.40 -0.23
C ASP A 155 4.25 -0.26 -1.69
N SER A 156 4.31 0.99 -2.17
CA SER A 156 4.75 1.30 -3.52
C SER A 156 4.05 0.42 -4.55
N PRO A 157 2.73 0.42 -4.61
CA PRO A 157 1.99 -0.62 -5.34
C PRO A 157 1.88 -0.38 -6.84
N PHE A 158 2.41 0.72 -7.34
CA PHE A 158 2.23 1.13 -8.73
C PHE A 158 3.44 0.81 -9.58
N GLY A 159 4.13 -0.30 -9.29
CA GLY A 159 5.32 -0.66 -10.03
C GLY A 159 4.97 -0.99 -11.47
N TYR A 160 5.82 -0.53 -12.38
CA TYR A 160 5.77 -0.80 -13.81
C TYR A 160 4.64 -0.08 -14.54
N LEU A 161 3.90 0.80 -13.86
CA LEU A 161 2.83 1.54 -14.49
C LEU A 161 3.35 2.88 -14.99
N ASP A 162 2.86 3.32 -16.15
CA ASP A 162 3.19 4.66 -16.62
C ASP A 162 2.52 5.69 -15.71
N VAL A 163 2.97 6.94 -15.83
CA VAL A 163 2.56 7.94 -14.83
C VAL A 163 1.06 8.24 -14.91
N LEU A 164 0.47 8.19 -16.11
CA LEU A 164 -0.96 8.46 -16.21
C LEU A 164 -1.80 7.30 -15.66
N THR A 165 -1.40 6.06 -15.97
CA THR A 165 -2.11 4.91 -15.39
C THR A 165 -2.01 4.92 -13.87
N GLU A 166 -0.81 5.22 -13.35
CA GLU A 166 -0.63 5.36 -11.90
C GLU A 166 -1.56 6.41 -11.33
N LYS A 167 -1.60 7.59 -11.96
CA LYS A 167 -2.50 8.66 -11.52
C LYS A 167 -3.96 8.18 -11.52
N GLU A 168 -4.38 7.52 -12.59
CA GLU A 168 -5.79 7.14 -12.69
C GLU A 168 -6.18 6.13 -11.62
N ILE A 169 -5.32 5.15 -11.37
CA ILE A 169 -5.59 4.12 -10.38
C ILE A 169 -5.46 4.66 -8.97
N PHE A 170 -4.49 5.57 -8.74
CA PHE A 170 -4.45 6.24 -7.45
C PHE A 170 -5.79 6.91 -7.16
N GLU A 171 -6.38 7.57 -8.15
CA GLU A 171 -7.64 8.27 -7.96
C GLU A 171 -8.82 7.31 -7.86
N SER A 172 -8.91 6.35 -8.79
CA SER A 172 -10.09 5.46 -8.79
C SER A 172 -10.04 4.48 -7.63
N CYS A 173 -8.86 3.95 -7.29
CA CYS A 173 -8.77 2.92 -6.27
C CYS A 173 -8.47 3.52 -4.89
N VAL A 174 -7.36 4.25 -4.76
CA VAL A 174 -6.94 4.68 -3.43
C VAL A 174 -7.84 5.80 -2.91
N CYS A 175 -8.25 6.73 -3.79
CA CYS A 175 -9.01 7.88 -3.32
C CYS A 175 -10.53 7.65 -3.33
N LYS A 176 -11.06 7.02 -4.38
CA LYS A 176 -12.51 6.86 -4.47
C LYS A 176 -12.98 5.54 -3.87
N LEU A 177 -12.54 4.41 -4.43
CA LEU A 177 -13.01 3.12 -3.94
C LEU A 177 -12.71 2.95 -2.45
N MET A 178 -11.55 3.45 -2.00
CA MET A 178 -11.10 3.28 -0.63
C MET A 178 -11.32 4.51 0.24
N ALA A 179 -12.25 5.39 -0.16
CA ALA A 179 -12.38 6.69 0.50
C ALA A 179 -12.68 6.57 1.99
N ASN A 180 -13.38 5.52 2.42
CA ASN A 180 -13.75 5.43 3.84
C ASN A 180 -12.72 4.72 4.70
N LYS A 181 -11.59 4.28 4.12
CA LYS A 181 -10.71 3.33 4.76
C LYS A 181 -9.44 4.03 5.22
N THR A 182 -8.86 3.54 6.30
CA THR A 182 -7.59 4.04 6.77
C THR A 182 -6.48 3.44 5.91
N ARG A 183 -5.63 4.31 5.34
CA ARG A 183 -4.68 3.90 4.31
C ARG A 183 -3.32 4.49 4.61
N ILE A 184 -2.28 3.68 4.50
CA ILE A 184 -0.90 4.16 4.46
C ILE A 184 -0.35 3.75 3.12
N LEU A 185 0.05 4.72 2.33
CA LEU A 185 0.54 4.50 0.98
C LEU A 185 1.99 4.93 0.91
N VAL A 186 2.90 3.99 0.62
CA VAL A 186 4.29 4.36 0.38
C VAL A 186 4.40 4.79 -1.08
N THR A 187 4.79 6.05 -1.28
CA THR A 187 4.76 6.68 -2.59
C THR A 187 5.58 7.95 -2.52
N SER A 188 6.14 8.34 -3.66
CA SER A 188 6.88 9.60 -3.75
C SER A 188 6.22 10.64 -4.62
N LYS A 189 5.08 10.31 -5.26
CA LYS A 189 4.52 11.13 -6.32
C LYS A 189 3.80 12.36 -5.75
N MET A 190 4.02 13.51 -6.40
CA MET A 190 3.54 14.77 -5.85
C MET A 190 2.03 14.78 -5.64
N GLU A 191 1.25 14.31 -6.62
CA GLU A 191 -0.21 14.32 -6.45
C GLU A 191 -0.63 13.47 -5.26
N HIS A 192 0.04 12.34 -5.03
CA HIS A 192 -0.35 11.50 -3.90
C HIS A 192 -0.08 12.19 -2.57
N LEU A 193 1.06 12.88 -2.45
CA LEU A 193 1.35 13.64 -1.22
C LEU A 193 0.37 14.79 -1.06
N LYS A 194 -0.02 15.41 -2.17
CA LYS A 194 -0.93 16.55 -2.10
C LYS A 194 -2.32 16.11 -1.66
N LYS A 195 -2.77 14.92 -2.09
CA LYS A 195 -4.08 14.41 -1.73
C LYS A 195 -4.12 13.73 -0.36
N ALA A 196 -2.97 13.34 0.18
CA ALA A 196 -2.94 12.70 1.48
C ALA A 196 -3.36 13.67 2.58
N ASP A 197 -3.95 13.12 3.65
CA ASP A 197 -4.24 13.92 4.84
C ASP A 197 -2.97 14.32 5.57
N LYS A 198 -1.95 13.46 5.56
CA LYS A 198 -0.65 13.75 6.15
C LYS A 198 0.43 13.13 5.27
N ILE A 199 1.62 13.69 5.35
CA ILE A 199 2.81 13.21 4.65
C ILE A 199 3.89 12.95 5.68
N LEU A 200 4.56 11.81 5.54
CA LEU A 200 5.78 11.51 6.29
C LEU A 200 6.88 11.22 5.28
N ILE A 201 7.92 12.07 5.26
CA ILE A 201 9.08 11.83 4.41
C ILE A 201 10.21 11.33 5.29
N LEU A 202 10.71 10.14 4.98
CA LEU A 202 11.80 9.52 5.70
C LEU A 202 13.12 9.74 4.97
N HIS A 203 14.20 9.93 5.72
CA HIS A 203 15.54 9.96 5.15
C HIS A 203 16.48 9.27 6.13
N GLU A 204 17.06 8.15 5.69
CA GLU A 204 17.99 7.38 6.50
C GLU A 204 17.44 7.14 7.91
N GLY A 205 16.19 6.69 7.96
CA GLY A 205 15.55 6.39 9.23
C GLY A 205 14.87 7.55 9.92
N SER A 206 15.28 8.79 9.63
CA SER A 206 14.76 9.96 10.34
C SER A 206 13.59 10.60 9.61
N SER A 207 12.80 11.37 10.37
CA SER A 207 11.69 12.17 9.82
C SER A 207 12.26 13.42 9.15
N TYR A 208 12.34 13.36 7.82
CA TYR A 208 12.75 14.51 7.02
C TYR A 208 11.68 15.60 7.06
N PHE A 209 10.41 15.21 6.99
CA PHE A 209 9.28 16.13 7.07
C PHE A 209 8.06 15.37 7.51
N TYR A 210 7.28 15.98 8.40
CA TYR A 210 5.97 15.44 8.71
C TYR A 210 4.97 16.58 8.84
N GLY A 211 3.86 16.48 8.11
CA GLY A 211 2.87 17.54 8.08
C GLY A 211 1.99 17.37 6.85
N THR A 212 1.47 18.48 6.34
CA THR A 212 0.64 18.45 5.15
C THR A 212 1.40 19.05 3.96
N PHE A 213 0.92 18.71 2.76
CA PHE A 213 1.45 19.29 1.53
C PHE A 213 1.35 20.82 1.58
N SER A 214 0.21 21.34 2.05
CA SER A 214 0.04 22.77 2.15
C SER A 214 1.06 23.39 3.10
N GLU A 215 1.35 22.73 4.22
CA GLU A 215 2.36 23.25 5.15
C GLU A 215 3.72 23.31 4.48
N LEU A 216 4.06 22.27 3.71
CA LEU A 216 5.33 22.27 2.99
C LEU A 216 5.39 23.37 1.93
N GLN A 217 4.29 23.60 1.22
CA GLN A 217 4.26 24.68 0.24
C GLN A 217 4.53 26.03 0.92
N ASN A 218 3.98 26.23 2.12
CA ASN A 218 4.17 27.47 2.83
C ASN A 218 5.60 27.67 3.31
N LEU A 219 6.41 26.64 3.34
CA LEU A 219 7.82 26.77 3.70
C LEU A 219 8.63 27.30 2.52
#